data_8YXX
#
_entry.id   8YXX
#
_cell.length_a   66.897
_cell.length_b   66.897
_cell.length_c   203.101
_cell.angle_alpha   90.00
_cell.angle_beta   90.00
_cell.angle_gamma   120.00
#
_symmetry.space_group_name_H-M   'P 61'
#
loop_
_entity.id
_entity.type
_entity.pdbx_description
1 polymer 'Activating signal cointegrator 1'
2 polymer "DNA (5'-D(*CP*GP*AP*GP*GP*TP*AP*CP*CP*TP*CP*A)-3')"
3 polymer "DNA (5'-D(*TP*GP*AP*GP*GP*TP*AP*CP*CP*TP*CP*G)-3')"
4 water water
#
loop_
_entity_poly.entity_id
_entity_poly.type
_entity_poly.pdbx_seq_one_letter_code
_entity_poly.pdbx_strand_id
1 'polypeptide(L)'
;SWCLSVHQPWASLLVRGIKRVEGRSWYTPHRGRLWIAATAKKPSPQEVSELQATYRLLRGKDVEFPNDYPSGCLLGCVDL
IDCLSQKQFKEQFPDISQESDSPFVFICKNPQEMVVKFPIKGNPKIWKLDSKIHQGAKKGLM
;
A,C
2 'polydeoxyribonucleotide' (DC)(DG)(DA)(DG)(DG)(DT)(DA)(DC)(DC)(DT)(DC)(DA) B
3 'polydeoxyribonucleotide' (DT)(DG)(DA)(DG)(DG)(DT)(DA)(DC)(DC)(DT)(DC)(DG) D
#
loop_
_chem_comp.id
_chem_comp.type
_chem_comp.name
_chem_comp.formula
DA DNA linking 2'-DEOXYADENOSINE-5'-MONOPHOSPHATE 'C10 H14 N5 O6 P'
DC DNA linking 2'-DEOXYCYTIDINE-5'-MONOPHOSPHATE 'C9 H14 N3 O7 P'
DG DNA linking 2'-DEOXYGUANOSINE-5'-MONOPHOSPHATE 'C10 H14 N5 O7 P'
DT DNA linking THYMIDINE-5'-MONOPHOSPHATE 'C10 H15 N2 O8 P'
#
# COMPACT_ATOMS: atom_id res chain seq x y z
N SER A 1 -34.27 16.42 -4.02
CA SER A 1 -34.15 15.20 -3.24
C SER A 1 -33.15 14.21 -3.85
N TRP A 2 -32.40 14.67 -4.86
CA TRP A 2 -31.37 13.88 -5.50
C TRP A 2 -30.00 14.47 -5.20
N CYS A 3 -29.01 13.61 -5.00
CA CYS A 3 -27.69 14.03 -4.57
C CYS A 3 -26.61 13.41 -5.43
N LEU A 4 -25.48 14.10 -5.54
CA LEU A 4 -24.27 13.57 -6.16
C LEU A 4 -23.11 13.76 -5.20
N SER A 5 -22.33 12.71 -4.99
CA SER A 5 -21.17 12.79 -4.09
C SER A 5 -19.93 13.16 -4.88
N VAL A 6 -19.15 14.09 -4.33
CA VAL A 6 -17.94 14.61 -4.97
C VAL A 6 -16.83 14.61 -3.93
N HIS A 7 -15.59 14.39 -4.39
CA HIS A 7 -14.43 14.49 -3.51
C HIS A 7 -14.14 15.94 -3.18
N GLN A 8 -13.68 16.17 -1.96
CA GLN A 8 -13.14 17.48 -1.67
C GLN A 8 -11.71 17.54 -2.21
N PRO A 9 -11.21 18.73 -2.55
CA PRO A 9 -11.83 20.06 -2.41
C PRO A 9 -12.84 20.45 -3.49
N TRP A 10 -13.02 19.63 -4.54
CA TRP A 10 -13.89 20.06 -5.64
C TRP A 10 -15.33 20.18 -5.20
N ALA A 11 -15.75 19.37 -4.24
CA ALA A 11 -17.14 19.41 -3.78
C ALA A 11 -17.54 20.80 -3.29
N SER A 12 -16.74 21.38 -2.40
CA SER A 12 -17.08 22.70 -1.85
C SER A 12 -16.87 23.80 -2.87
N LEU A 13 -15.88 23.66 -3.76
CA LEU A 13 -15.74 24.60 -4.88
C LEU A 13 -16.98 24.62 -5.76
N LEU A 14 -17.64 23.47 -5.90
CA LEU A 14 -18.90 23.41 -6.65
C LEU A 14 -19.98 24.23 -5.96
N VAL A 15 -20.20 23.99 -4.66
CA VAL A 15 -21.28 24.71 -4.00
C VAL A 15 -20.95 26.16 -3.77
N ARG A 16 -19.69 26.57 -3.91
CA ARG A 16 -19.33 27.99 -3.93
C ARG A 16 -19.44 28.63 -5.30
N GLY A 17 -19.55 27.84 -6.38
CA GLY A 17 -19.55 28.37 -7.73
C GLY A 17 -18.17 28.67 -8.30
N ILE A 18 -17.11 28.43 -7.56
CA ILE A 18 -15.77 28.55 -8.12
C ILE A 18 -15.55 27.48 -9.20
N LYS A 19 -15.90 26.24 -8.90
CA LYS A 19 -15.96 25.18 -9.89
C LYS A 19 -17.34 25.19 -10.51
N ARG A 20 -17.41 25.35 -11.84
CA ARG A 20 -18.70 25.52 -12.52
C ARG A 20 -19.22 24.26 -13.17
N VAL A 21 -18.36 23.32 -13.50
CA VAL A 21 -18.77 22.09 -14.16
C VAL A 21 -18.21 20.92 -13.36
N GLU A 22 -18.82 19.77 -13.57
CA GLU A 22 -18.34 18.51 -13.04
C GLU A 22 -18.30 17.50 -14.19
N GLY A 23 -17.19 16.79 -14.33
CA GLY A 23 -17.06 15.78 -15.37
C GLY A 23 -17.26 14.36 -14.80
N ARG A 24 -18.01 13.57 -15.55
CA ARG A 24 -18.21 12.16 -15.22
C ARG A 24 -18.14 11.34 -16.50
N SER A 25 -17.93 10.04 -16.33
CA SER A 25 -17.94 9.14 -17.48
C SER A 25 -19.35 8.83 -17.96
N TRP A 26 -20.37 9.14 -17.16
CA TRP A 26 -21.72 8.67 -17.41
C TRP A 26 -22.66 9.85 -17.57
N TYR A 27 -23.75 9.62 -18.31
CA TYR A 27 -24.74 10.63 -18.61
C TYR A 27 -25.89 10.53 -17.62
N THR A 28 -26.46 11.68 -17.26
CA THR A 28 -27.73 11.66 -16.56
C THR A 28 -28.74 12.56 -17.24
N PRO A 29 -29.99 12.12 -17.34
CA PRO A 29 -31.06 13.01 -17.78
C PRO A 29 -31.58 13.95 -16.70
N HIS A 30 -31.03 13.87 -15.49
CA HIS A 30 -31.55 14.68 -14.39
C HIS A 30 -31.32 16.16 -14.68
N ARG A 31 -32.35 16.98 -14.44
CA ARG A 31 -32.19 18.42 -14.51
C ARG A 31 -32.85 19.04 -13.29
N GLY A 32 -32.34 20.19 -12.88
CA GLY A 32 -32.84 20.87 -11.72
C GLY A 32 -31.91 20.76 -10.53
N ARG A 33 -32.49 20.91 -9.35
CA ARG A 33 -31.69 20.90 -8.14
C ARG A 33 -30.96 19.57 -7.96
N LEU A 34 -29.68 19.64 -7.63
CA LEU A 34 -28.87 18.46 -7.38
C LEU A 34 -28.03 18.76 -6.15
N TRP A 35 -28.34 18.10 -5.04
CA TRP A 35 -27.55 18.31 -3.85
C TRP A 35 -26.13 17.79 -4.07
N ILE A 36 -25.19 18.39 -3.34
CA ILE A 36 -23.78 18.02 -3.44
C ILE A 36 -23.34 17.57 -2.05
N ALA A 37 -22.86 16.34 -1.95
CA ALA A 37 -22.31 15.83 -0.69
C ALA A 37 -20.84 15.54 -0.88
N ALA A 38 -20.04 15.87 0.12
CA ALA A 38 -18.64 15.47 0.08
C ALA A 38 -18.49 13.99 0.39
N THR A 39 -17.64 13.30 -0.38
CA THR A 39 -17.29 11.92 -0.07
C THR A 39 -16.54 11.86 1.27
N ALA A 40 -16.18 10.63 1.64
CA ALA A 40 -15.41 10.40 2.86
C ALA A 40 -13.94 10.69 2.70
N LYS A 41 -13.42 10.75 1.47
CA LYS A 41 -12.00 10.94 1.26
C LYS A 41 -11.56 12.35 1.66
N LYS A 42 -10.70 12.44 2.67
CA LYS A 42 -10.15 13.73 3.11
C LYS A 42 -9.03 14.16 2.17
N PRO A 43 -9.02 15.40 1.71
CA PRO A 43 -7.93 15.87 0.84
C PRO A 43 -6.75 16.35 1.66
N SER A 44 -5.56 16.17 1.09
CA SER A 44 -4.35 16.62 1.76
C SER A 44 -4.25 18.14 1.70
N PRO A 45 -3.55 18.77 2.63
CA PRO A 45 -3.38 20.23 2.57
C PRO A 45 -2.71 20.67 1.29
N GLN A 46 -1.93 19.79 0.67
CA GLN A 46 -1.25 20.11 -0.58
C GLN A 46 -2.26 20.25 -1.72
N GLU A 47 -3.15 19.26 -1.88
CA GLU A 47 -4.12 19.35 -2.96
C GLU A 47 -5.13 20.47 -2.74
N VAL A 48 -5.29 20.94 -1.51
CA VAL A 48 -6.16 22.09 -1.28
C VAL A 48 -5.50 23.38 -1.79
N SER A 49 -4.24 23.60 -1.43
CA SER A 49 -3.61 24.85 -1.83
C SER A 49 -3.30 24.86 -3.32
N GLU A 50 -2.66 23.80 -3.81
CA GLU A 50 -2.47 23.61 -5.24
C GLU A 50 -3.70 24.00 -6.05
N LEU A 51 -4.85 23.40 -5.71
CA LEU A 51 -6.09 23.65 -6.45
C LEU A 51 -6.58 25.07 -6.23
N GLN A 52 -6.41 25.60 -5.02
CA GLN A 52 -6.77 27.01 -4.79
C GLN A 52 -5.92 27.93 -5.66
N ALA A 53 -4.61 27.65 -5.73
CA ALA A 53 -3.72 28.42 -6.61
C ALA A 53 -4.24 28.43 -8.05
N THR A 54 -4.63 27.26 -8.56
CA THR A 54 -5.12 27.16 -9.92
C THR A 54 -6.39 27.99 -10.12
N TYR A 55 -7.35 27.89 -9.20
CA TYR A 55 -8.60 28.62 -9.41
C TYR A 55 -8.47 30.11 -9.16
N ARG A 56 -7.49 30.55 -8.36
CA ARG A 56 -7.16 31.97 -8.33
C ARG A 56 -6.74 32.43 -9.72
N LEU A 57 -5.86 31.66 -10.37
CA LEU A 57 -5.46 31.96 -11.73
C LEU A 57 -6.64 32.01 -12.69
N LEU A 58 -7.58 31.05 -12.56
CA LEU A 58 -8.69 30.99 -13.50
C LEU A 58 -9.75 32.05 -13.23
N ARG A 59 -9.90 32.48 -11.97
CA ARG A 59 -11.04 33.29 -11.57
C ARG A 59 -10.70 34.68 -11.06
N GLY A 60 -9.47 34.92 -10.61
CA GLY A 60 -9.08 36.21 -10.05
C GLY A 60 -8.36 36.07 -8.73
N LYS A 61 -7.33 36.90 -8.51
CA LYS A 61 -6.50 36.75 -7.32
C LYS A 61 -7.34 36.72 -6.03
N ASP A 62 -8.41 37.51 -5.97
CA ASP A 62 -9.13 37.74 -4.72
C ASP A 62 -10.40 36.91 -4.61
N VAL A 63 -10.45 35.75 -5.27
CA VAL A 63 -11.63 34.89 -5.17
C VAL A 63 -11.69 34.28 -3.77
N GLU A 64 -12.89 34.23 -3.21
CA GLU A 64 -13.09 33.87 -1.81
C GLU A 64 -13.38 32.38 -1.70
N PHE A 65 -12.39 31.61 -1.14
CA PHE A 65 -12.51 30.19 -0.88
C PHE A 65 -13.14 29.93 0.48
N PRO A 66 -13.78 28.76 0.63
CA PRO A 66 -14.25 28.36 1.96
C PRO A 66 -13.08 28.19 2.91
N ASN A 67 -13.37 28.38 4.20
CA ASN A 67 -12.33 28.24 5.20
C ASN A 67 -11.97 26.77 5.41
N ASP A 68 -12.89 25.86 5.13
CA ASP A 68 -12.61 24.44 5.26
C ASP A 68 -13.33 23.66 4.17
N TYR A 69 -12.87 22.42 3.96
CA TYR A 69 -13.43 21.50 2.99
C TYR A 69 -13.81 20.20 3.69
N PRO A 70 -14.95 20.18 4.40
CA PRO A 70 -15.29 19.01 5.22
C PRO A 70 -15.70 17.79 4.40
N SER A 71 -15.42 16.62 4.99
CA SER A 71 -15.71 15.34 4.37
C SER A 71 -17.04 14.75 4.87
N GLY A 72 -17.59 13.85 4.06
CA GLY A 72 -18.71 13.03 4.49
C GLY A 72 -19.92 13.81 4.95
N CYS A 73 -20.28 14.87 4.24
CA CYS A 73 -21.39 15.70 4.68
C CYS A 73 -22.07 16.36 3.49
N LEU A 74 -23.33 16.73 3.70
CA LEU A 74 -24.12 17.44 2.70
C LEU A 74 -23.72 18.92 2.70
N LEU A 75 -23.26 19.41 1.57
CA LEU A 75 -22.63 20.73 1.47
C LEU A 75 -23.59 21.79 0.98
N GLY A 76 -24.47 21.44 0.06
CA GLY A 76 -25.37 22.38 -0.56
C GLY A 76 -25.94 21.76 -1.82
N CYS A 77 -26.12 22.56 -2.86
CA CYS A 77 -26.77 22.07 -4.06
C CYS A 77 -26.44 23.00 -5.21
N VAL A 78 -26.66 22.49 -6.41
CA VAL A 78 -26.60 23.29 -7.62
C VAL A 78 -27.85 22.95 -8.43
N ASP A 79 -28.09 23.74 -9.47
CA ASP A 79 -29.05 23.38 -10.50
C ASP A 79 -28.24 22.84 -11.67
N LEU A 80 -28.45 21.56 -11.97
CA LEU A 80 -27.85 20.92 -13.14
C LEU A 80 -28.70 21.30 -14.33
N ILE A 81 -28.25 22.29 -15.11
CA ILE A 81 -29.08 22.79 -16.20
C ILE A 81 -28.84 22.04 -17.49
N ASP A 82 -27.78 21.25 -17.59
CA ASP A 82 -27.51 20.46 -18.79
C ASP A 82 -26.42 19.44 -18.49
N CYS A 83 -26.43 18.36 -19.26
CA CYS A 83 -25.45 17.28 -19.16
C CYS A 83 -24.97 17.07 -20.58
N LEU A 84 -23.87 17.72 -20.92
CA LEU A 84 -23.35 17.79 -22.28
C LEU A 84 -22.29 16.73 -22.49
N SER A 85 -22.18 16.30 -23.74
CA SER A 85 -21.07 15.46 -24.14
C SER A 85 -19.85 16.35 -24.29
N GLN A 86 -18.67 15.73 -24.28
CA GLN A 86 -17.45 16.51 -24.43
C GLN A 86 -17.48 17.34 -25.69
N LYS A 87 -18.04 16.78 -26.76
CA LYS A 87 -18.18 17.53 -28.00
C LYS A 87 -19.14 18.71 -27.83
N GLN A 88 -20.29 18.48 -27.19
CA GLN A 88 -21.21 19.57 -26.90
C GLN A 88 -20.57 20.59 -25.97
N PHE A 89 -19.79 20.13 -24.99
CA PHE A 89 -19.17 21.05 -24.04
C PHE A 89 -18.21 21.99 -24.76
N LYS A 90 -17.40 21.47 -25.68
CA LYS A 90 -16.48 22.33 -26.43
C LYS A 90 -17.23 23.31 -27.33
N GLU A 91 -18.36 22.91 -27.89
CA GLU A 91 -19.13 23.81 -28.73
C GLU A 91 -19.74 24.96 -27.92
N GLN A 92 -20.49 24.65 -26.86
CA GLN A 92 -21.30 25.66 -26.18
C GLN A 92 -20.57 26.46 -25.12
N PHE A 93 -19.44 26.00 -24.61
CA PHE A 93 -18.73 26.68 -23.52
C PHE A 93 -17.25 26.84 -23.81
N PRO A 94 -16.91 27.60 -24.86
CA PRO A 94 -15.51 27.60 -25.31
C PRO A 94 -14.57 28.25 -24.30
N ASP A 95 -15.07 29.19 -23.48
CA ASP A 95 -14.23 29.88 -22.51
C ASP A 95 -13.92 29.05 -21.28
N ILE A 96 -14.64 27.94 -21.04
CA ILE A 96 -14.37 27.10 -19.89
C ILE A 96 -14.22 25.63 -20.26
N SER A 97 -14.30 25.27 -21.54
CA SER A 97 -14.28 23.84 -21.87
C SER A 97 -12.97 23.15 -21.46
N GLN A 98 -11.89 23.90 -21.27
CA GLN A 98 -10.65 23.27 -20.79
C GLN A 98 -10.77 22.77 -19.36
N GLU A 99 -11.81 23.19 -18.65
CA GLU A 99 -11.96 22.88 -17.24
C GLU A 99 -12.58 21.51 -16.97
N SER A 100 -12.84 20.73 -18.03
CA SER A 100 -13.23 19.33 -17.88
C SER A 100 -13.05 18.61 -19.21
N ASP A 101 -12.30 17.52 -19.19
CA ASP A 101 -12.09 16.71 -20.38
C ASP A 101 -12.88 15.40 -20.34
N SER A 102 -13.90 15.32 -19.48
CA SER A 102 -14.65 14.10 -19.25
C SER A 102 -15.61 13.81 -20.39
N PRO A 103 -15.99 12.53 -20.56
CA PRO A 103 -16.99 12.21 -21.60
C PRO A 103 -18.31 12.94 -21.44
N PHE A 104 -18.78 13.16 -20.22
CA PHE A 104 -19.99 13.92 -19.97
C PHE A 104 -19.74 15.01 -18.94
N VAL A 105 -20.30 16.19 -19.16
CA VAL A 105 -19.99 17.36 -18.34
C VAL A 105 -21.28 17.95 -17.78
N PHE A 106 -21.37 17.99 -16.45
CA PHE A 106 -22.52 18.52 -15.75
C PHE A 106 -22.40 20.03 -15.69
N ILE A 107 -23.34 20.74 -16.31
CA ILE A 107 -23.34 22.20 -16.30
C ILE A 107 -24.14 22.69 -15.11
N CYS A 108 -23.52 23.53 -14.29
CA CYS A 108 -24.08 23.89 -12.99
C CYS A 108 -24.30 25.39 -12.89
N LYS A 109 -25.49 25.79 -12.43
CA LYS A 109 -25.80 27.17 -12.11
C LYS A 109 -26.38 27.22 -10.70
N ASN A 110 -26.49 28.45 -10.14
CA ASN A 110 -27.19 28.72 -8.89
C ASN A 110 -26.63 27.92 -7.71
N PRO A 111 -25.34 28.04 -7.40
CA PRO A 111 -24.80 27.28 -6.28
C PRO A 111 -25.28 27.83 -4.95
N GLN A 112 -25.69 26.93 -4.06
CA GLN A 112 -26.09 27.29 -2.71
C GLN A 112 -25.31 26.46 -1.71
N GLU A 113 -24.85 27.11 -0.65
CA GLU A 113 -24.11 26.47 0.42
C GLU A 113 -24.95 26.48 1.70
N MET A 114 -25.14 25.32 2.30
CA MET A 114 -25.80 25.25 3.59
C MET A 114 -24.89 25.83 4.66
N VAL A 115 -25.48 26.50 5.64
CA VAL A 115 -24.62 27.04 6.70
C VAL A 115 -24.16 25.93 7.62
N VAL A 116 -25.06 25.01 7.98
CA VAL A 116 -24.72 23.86 8.79
C VAL A 116 -24.80 22.61 7.92
N LYS A 117 -23.72 21.83 7.93
CA LYS A 117 -23.49 20.69 7.04
C LYS A 117 -23.67 19.40 7.81
N PHE A 118 -24.52 18.48 7.26
CA PHE A 118 -24.96 17.29 7.97
C PHE A 118 -24.18 16.07 7.54
N PRO A 119 -23.67 15.28 8.48
CA PRO A 119 -23.05 13.99 8.15
C PRO A 119 -23.96 13.16 7.24
N ILE A 120 -23.33 12.46 6.30
CA ILE A 120 -24.09 11.71 5.30
C ILE A 120 -23.15 10.69 4.70
N LYS A 121 -23.71 9.54 4.31
CA LYS A 121 -22.97 8.50 3.61
C LYS A 121 -23.56 8.35 2.21
N GLY A 122 -22.72 8.49 1.18
CA GLY A 122 -23.18 8.60 -0.18
C GLY A 122 -23.33 7.27 -0.88
N ASN A 123 -23.51 7.36 -2.19
CA ASN A 123 -23.61 6.22 -3.09
C ASN A 123 -23.05 6.68 -4.44
N PRO A 124 -22.82 5.76 -5.37
CA PRO A 124 -22.33 6.19 -6.68
C PRO A 124 -23.42 6.88 -7.48
N LYS A 125 -23.00 7.67 -8.45
CA LYS A 125 -23.92 8.35 -9.37
C LYS A 125 -24.89 9.26 -8.58
N ILE A 126 -26.10 9.45 -9.10
CA ILE A 126 -27.14 10.28 -8.51
C ILE A 126 -27.99 9.42 -7.59
N TRP A 127 -27.98 9.71 -6.30
CA TRP A 127 -28.75 8.92 -5.34
C TRP A 127 -29.71 9.82 -4.58
N LYS A 128 -30.76 9.22 -4.02
CA LYS A 128 -31.82 9.97 -3.35
C LYS A 128 -31.50 10.18 -1.88
N LEU A 129 -31.68 11.42 -1.42
CA LEU A 129 -31.58 11.71 -0.01
C LEU A 129 -32.76 11.12 0.76
N ASP A 130 -32.50 10.72 2.00
CA ASP A 130 -33.62 10.41 2.89
C ASP A 130 -34.38 11.69 3.23
N SER A 131 -35.67 11.54 3.49
CA SER A 131 -36.54 12.69 3.67
C SER A 131 -36.12 13.54 4.85
N LYS A 132 -35.65 12.90 5.93
CA LYS A 132 -35.30 13.66 7.14
C LYS A 132 -34.16 14.63 6.88
N ILE A 133 -33.09 14.15 6.26
CA ILE A 133 -31.98 15.04 5.93
C ILE A 133 -32.34 16.01 4.80
N HIS A 134 -33.29 15.65 3.95
CA HIS A 134 -33.69 16.56 2.89
C HIS A 134 -34.46 17.75 3.43
N GLN A 135 -35.41 17.50 4.35
CA GLN A 135 -36.16 18.58 4.98
C GLN A 135 -35.23 19.53 5.70
N GLY A 136 -34.25 18.99 6.42
CA GLY A 136 -33.29 19.85 7.09
C GLY A 136 -32.44 20.63 6.12
N ALA A 137 -32.00 19.99 5.04
CA ALA A 137 -31.21 20.68 4.02
C ALA A 137 -31.99 21.81 3.39
N LYS A 138 -33.27 21.59 3.09
CA LYS A 138 -34.09 22.68 2.56
C LYS A 138 -34.19 23.81 3.59
N LYS A 139 -34.34 23.47 4.87
CA LYS A 139 -34.40 24.48 5.92
C LYS A 139 -33.10 25.23 6.07
N GLY A 140 -31.97 24.59 5.80
CA GLY A 140 -30.68 25.25 5.92
C GLY A 140 -30.41 26.27 4.83
N LEU A 141 -31.29 26.36 3.83
CA LEU A 141 -31.09 27.27 2.71
C LEU A 141 -31.79 28.61 2.87
N MET A 142 -32.56 28.80 3.94
CA MET A 142 -33.30 30.05 4.16
C MET A 142 -32.47 31.31 3.86
N SER C 1 26.40 -18.69 20.54
CA SER C 1 25.49 -17.73 21.15
C SER C 1 25.06 -16.62 20.17
N TRP C 2 25.45 -16.74 18.89
CA TRP C 2 25.24 -15.70 17.91
C TRP C 2 24.25 -16.18 16.85
N CYS C 3 23.43 -15.25 16.35
CA CYS C 3 22.28 -15.61 15.53
C CYS C 3 22.19 -14.66 14.33
N LEU C 4 21.68 -15.19 13.22
CA LEU C 4 21.34 -14.38 12.06
C LEU C 4 19.88 -14.64 11.72
N SER C 5 19.11 -13.60 11.45
CA SER C 5 17.71 -13.75 11.05
C SER C 5 17.60 -13.82 9.54
N VAL C 6 16.77 -14.76 9.07
CA VAL C 6 16.60 -15.02 7.65
C VAL C 6 15.12 -15.15 7.36
N HIS C 7 14.68 -14.67 6.21
CA HIS C 7 13.28 -14.86 5.80
C HIS C 7 13.02 -16.32 5.46
N GLN C 8 11.83 -16.76 5.78
CA GLN C 8 11.42 -18.04 5.21
C GLN C 8 10.95 -17.81 3.78
N PRO C 9 11.01 -18.84 2.93
CA PRO C 9 11.44 -20.24 3.19
C PRO C 9 12.95 -20.50 3.24
N TRP C 10 13.79 -19.51 2.92
CA TRP C 10 15.23 -19.75 2.85
C TRP C 10 15.80 -20.13 4.21
N ALA C 11 15.24 -19.60 5.30
CA ALA C 11 15.77 -19.87 6.63
C ALA C 11 15.75 -21.37 6.94
N SER C 12 14.63 -22.03 6.69
CA SER C 12 14.56 -23.46 6.98
C SER C 12 15.36 -24.27 5.97
N LEU C 13 15.44 -23.80 4.72
CA LEU C 13 16.34 -24.42 3.73
C LEU C 13 17.79 -24.36 4.21
N LEU C 14 18.16 -23.29 4.91
CA LEU C 14 19.50 -23.21 5.46
C LEU C 14 19.73 -24.29 6.50
N VAL C 15 18.80 -24.45 7.45
CA VAL C 15 19.07 -25.39 8.53
C VAL C 15 18.88 -26.83 8.09
N ARG C 16 18.23 -27.07 6.95
CA ARG C 16 18.21 -28.41 6.37
C ARG C 16 19.39 -28.69 5.45
N GLY C 17 20.20 -27.68 5.13
CA GLY C 17 21.31 -27.88 4.21
C GLY C 17 20.95 -27.86 2.74
N ILE C 18 19.68 -27.64 2.39
CA ILE C 18 19.32 -27.51 0.99
C ILE C 18 19.92 -26.23 0.40
N LYS C 19 19.72 -25.12 1.07
CA LYS C 19 20.40 -23.88 0.73
C LYS C 19 21.75 -23.86 1.46
N ARG C 20 22.84 -23.74 0.70
CA ARG C 20 24.18 -23.92 1.27
C ARG C 20 24.89 -22.62 1.57
N VAL C 21 24.42 -21.51 1.03
CA VAL C 21 25.06 -20.22 1.22
C VAL C 21 23.98 -19.18 1.48
N GLU C 22 24.34 -18.18 2.28
CA GLU C 22 23.52 -17.00 2.45
C GLU C 22 24.31 -15.78 1.96
N GLY C 23 23.68 -14.93 1.16
CA GLY C 23 24.31 -13.71 0.70
C GLY C 23 23.82 -12.47 1.42
N ARG C 24 24.75 -11.57 1.71
CA ARG C 24 24.46 -10.33 2.39
C ARG C 24 25.31 -9.23 1.77
N SER C 25 24.97 -7.98 2.07
CA SER C 25 25.76 -6.87 1.56
C SER C 25 26.96 -6.57 2.43
N TRP C 26 27.04 -7.17 3.62
CA TRP C 26 27.98 -6.79 4.65
C TRP C 26 28.81 -8.01 5.05
N TYR C 27 30.02 -7.75 5.51
CA TYR C 27 30.98 -8.78 5.86
C TYR C 27 30.87 -9.08 7.35
N THR C 28 31.16 -10.33 7.72
CA THR C 28 31.40 -10.58 9.13
C THR C 28 32.65 -11.43 9.34
N PRO C 29 33.46 -11.08 10.34
CA PRO C 29 34.56 -11.95 10.76
C PRO C 29 34.14 -13.13 11.61
N HIS C 30 32.84 -13.30 11.86
CA HIS C 30 32.38 -14.40 12.68
C HIS C 30 32.63 -15.73 11.97
N ARG C 31 33.19 -16.70 12.68
CA ARG C 31 33.30 -18.06 12.18
C ARG C 31 32.83 -19.02 13.26
N GLY C 32 32.35 -20.18 12.82
CA GLY C 32 31.85 -21.17 13.73
C GLY C 32 30.34 -21.22 13.73
N ARG C 33 29.80 -21.73 14.82
CA ARG C 33 28.36 -21.91 14.93
C ARG C 33 27.62 -20.58 14.82
N LEU C 34 26.52 -20.59 14.06
CA LEU C 34 25.70 -19.40 13.86
C LEU C 34 24.25 -19.86 13.84
N TRP C 35 23.53 -19.60 14.92
CA TRP C 35 22.12 -19.93 14.97
C TRP C 35 21.38 -19.22 13.85
N ILE C 36 20.31 -19.85 13.39
CA ILE C 36 19.46 -19.31 12.32
C ILE C 36 18.06 -19.13 12.88
N ALA C 37 17.55 -17.90 12.85
CA ALA C 37 16.18 -17.63 13.27
C ALA C 37 15.36 -17.16 12.07
N ALA C 38 14.11 -17.59 12.00
CA ALA C 38 13.22 -17.08 10.97
C ALA C 38 12.69 -15.71 11.36
N THR C 39 12.69 -14.78 10.42
CA THR C 39 12.08 -13.47 10.68
C THR C 39 10.58 -13.63 10.87
N ALA C 40 9.92 -12.50 11.10
CA ALA C 40 8.48 -12.47 11.27
C ALA C 40 7.72 -12.55 9.94
N LYS C 41 8.39 -12.31 8.81
CA LYS C 41 7.72 -12.27 7.51
C LYS C 41 7.27 -13.68 7.10
N LYS C 42 5.97 -13.86 6.96
CA LYS C 42 5.47 -15.14 6.47
C LYS C 42 5.58 -15.20 4.94
N PRO C 43 6.05 -16.31 4.38
CA PRO C 43 6.07 -16.45 2.93
C PRO C 43 4.75 -16.95 2.39
N SER C 44 4.43 -16.51 1.18
CA SER C 44 3.21 -16.97 0.54
C SER C 44 3.34 -18.43 0.14
N PRO C 45 2.23 -19.14 -0.02
CA PRO C 45 2.32 -20.52 -0.50
C PRO C 45 2.88 -20.62 -1.90
N GLN C 46 2.64 -19.60 -2.72
CA GLN C 46 3.31 -19.53 -4.02
C GLN C 46 4.82 -19.45 -3.86
N GLU C 47 5.27 -18.61 -2.93
CA GLU C 47 6.70 -18.44 -2.70
C GLU C 47 7.36 -19.75 -2.28
N VAL C 48 6.69 -20.53 -1.42
CA VAL C 48 7.24 -21.81 -0.99
C VAL C 48 7.33 -22.79 -2.17
N SER C 49 6.25 -22.95 -2.93
CA SER C 49 6.25 -23.99 -3.95
C SER C 49 7.24 -23.66 -5.07
N GLU C 50 7.20 -22.42 -5.57
CA GLU C 50 8.13 -22.02 -6.62
C GLU C 50 9.58 -22.27 -6.21
N LEU C 51 9.95 -21.85 -5.00
CA LEU C 51 11.33 -22.02 -4.52
C LEU C 51 11.69 -23.48 -4.33
N GLN C 52 10.76 -24.30 -3.83
CA GLN C 52 11.02 -25.73 -3.73
C GLN C 52 11.24 -26.35 -5.09
N ALA C 53 10.48 -25.87 -6.09
CA ALA C 53 10.66 -26.34 -7.46
C ALA C 53 12.08 -26.06 -7.95
N THR C 54 12.62 -24.88 -7.61
CA THR C 54 13.99 -24.56 -8.01
C THR C 54 14.99 -25.49 -7.33
N TYR C 55 14.84 -25.72 -6.03
CA TYR C 55 15.87 -26.49 -5.34
C TYR C 55 15.80 -27.97 -5.66
N ARG C 56 14.63 -28.47 -6.06
CA ARG C 56 14.57 -29.81 -6.63
C ARG C 56 15.45 -29.90 -7.87
N LEU C 57 15.33 -28.91 -8.77
CA LEU C 57 16.18 -28.87 -9.96
C LEU C 57 17.66 -28.84 -9.58
N LEU C 58 18.03 -27.98 -8.63
CA LEU C 58 19.44 -27.81 -8.30
C LEU C 58 20.02 -29.00 -7.56
N ARG C 59 19.21 -29.68 -6.75
CA ARG C 59 19.72 -30.63 -5.77
C ARG C 59 19.35 -32.08 -6.03
N GLY C 60 18.19 -32.34 -6.61
CA GLY C 60 17.73 -33.69 -6.85
C GLY C 60 16.21 -33.75 -6.80
N LYS C 61 15.65 -34.68 -7.57
CA LYS C 61 14.20 -34.78 -7.69
C LYS C 61 13.55 -35.11 -6.35
N ASP C 62 14.22 -35.90 -5.51
CA ASP C 62 13.59 -36.44 -4.31
C ASP C 62 14.15 -35.81 -3.04
N VAL C 63 14.59 -34.56 -3.11
CA VAL C 63 15.16 -33.87 -1.95
C VAL C 63 14.04 -33.58 -0.95
N GLU C 64 14.33 -33.80 0.33
CA GLU C 64 13.31 -33.76 1.39
C GLU C 64 13.25 -32.37 1.99
N PHE C 65 12.15 -31.66 1.74
CA PHE C 65 11.79 -30.35 2.28
C PHE C 65 11.04 -30.49 3.60
N PRO C 66 11.30 -29.58 4.53
CA PRO C 66 10.51 -29.54 5.77
C PRO C 66 9.03 -29.44 5.45
N ASN C 67 8.21 -30.01 6.35
CA ASN C 67 6.78 -29.93 6.13
C ASN C 67 6.27 -28.51 6.33
N ASP C 68 6.97 -27.70 7.13
CA ASP C 68 6.53 -26.35 7.43
C ASP C 68 7.71 -25.38 7.43
N TYR C 69 7.39 -24.10 7.23
CA TYR C 69 8.36 -23.01 7.25
C TYR C 69 7.91 -21.97 8.27
N PRO C 70 8.10 -22.24 9.56
CA PRO C 70 7.59 -21.34 10.61
C PRO C 70 8.33 -20.01 10.69
N SER C 71 7.56 -18.98 11.02
CA SER C 71 8.07 -17.63 11.18
C SER C 71 8.43 -17.33 12.62
N GLY C 72 9.26 -16.31 12.79
CA GLY C 72 9.55 -15.74 14.10
C GLY C 72 10.04 -16.75 15.12
N CYS C 73 10.94 -17.63 14.73
CA CYS C 73 11.38 -18.63 15.70
C CYS C 73 12.81 -19.08 15.41
N LEU C 74 13.45 -19.59 16.45
CA LEU C 74 14.79 -20.15 16.35
C LEU C 74 14.71 -21.54 15.72
N LEU C 75 15.37 -21.72 14.59
CA LEU C 75 15.23 -22.92 13.77
C LEU C 75 16.34 -23.94 14.01
N GLY C 76 17.56 -23.47 14.15
CA GLY C 76 18.69 -24.37 14.26
C GLY C 76 19.95 -23.57 14.09
N CYS C 77 20.94 -24.12 13.41
CA CYS C 77 22.21 -23.42 13.31
C CYS C 77 23.00 -24.00 12.15
N VAL C 78 24.04 -23.27 11.77
CA VAL C 78 25.04 -23.73 10.83
C VAL C 78 26.39 -23.41 11.44
N ASP C 79 27.44 -23.96 10.85
CA ASP C 79 28.79 -23.49 11.09
C ASP C 79 29.16 -22.60 9.91
N LEU C 80 29.40 -21.32 10.20
CA LEU C 80 29.84 -20.35 9.19
C LEU C 80 31.34 -20.51 9.04
N ILE C 81 31.78 -21.22 7.99
CA ILE C 81 33.20 -21.51 7.88
C ILE C 81 33.97 -20.45 7.11
N ASP C 82 33.29 -19.53 6.44
CA ASP C 82 33.96 -18.47 5.69
C ASP C 82 32.94 -17.45 5.23
N CYS C 83 33.40 -16.22 5.04
CA CYS C 83 32.60 -15.11 4.55
C CYS C 83 33.42 -14.55 3.40
N LEU C 84 33.02 -14.92 2.19
CA LEU C 84 33.76 -14.66 0.97
C LEU C 84 33.15 -13.49 0.23
N SER C 85 33.99 -12.75 -0.48
CA SER C 85 33.49 -11.76 -1.39
C SER C 85 32.93 -12.47 -2.61
N GLN C 86 32.09 -11.76 -3.36
CA GLN C 86 31.56 -12.33 -4.59
C GLN C 86 32.68 -12.87 -5.47
N LYS C 87 33.80 -12.14 -5.52
CA LYS C 87 34.95 -12.55 -6.32
C LYS C 87 35.57 -13.82 -5.78
N GLN C 88 35.80 -13.87 -4.45
CA GLN C 88 36.28 -15.09 -3.81
C GLN C 88 35.28 -16.23 -3.97
N PHE C 89 33.98 -15.91 -3.91
CA PHE C 89 32.96 -16.95 -4.05
C PHE C 89 33.00 -17.58 -5.42
N LYS C 90 33.26 -16.78 -6.46
CA LYS C 90 33.27 -17.33 -7.81
C LYS C 90 34.49 -18.20 -8.06
N GLU C 91 35.61 -17.89 -7.42
CA GLU C 91 36.78 -18.71 -7.66
C GLU C 91 36.88 -19.95 -6.76
N GLN C 92 36.18 -19.99 -5.63
CA GLN C 92 36.30 -21.15 -4.76
C GLN C 92 35.15 -22.15 -4.88
N PHE C 93 33.97 -21.72 -5.33
CA PHE C 93 32.80 -22.60 -5.40
C PHE C 93 32.14 -22.48 -6.77
N PRO C 94 32.83 -22.92 -7.83
CA PRO C 94 32.30 -22.68 -9.17
C PRO C 94 30.99 -23.38 -9.43
N ASP C 95 30.76 -24.53 -8.79
CA ASP C 95 29.54 -25.29 -9.04
C ASP C 95 28.32 -24.72 -8.36
N ILE C 96 28.48 -23.85 -7.36
CA ILE C 96 27.35 -23.24 -6.68
C ILE C 96 27.39 -21.71 -6.70
N SER C 97 28.41 -21.10 -7.31
CA SER C 97 28.50 -19.65 -7.23
C SER C 97 27.29 -18.93 -7.84
N GLN C 98 26.53 -19.58 -8.72
CA GLN C 98 25.31 -18.96 -9.24
C GLN C 98 24.22 -18.82 -8.19
N GLU C 99 24.40 -19.45 -7.03
CA GLU C 99 23.36 -19.48 -6.01
C GLU C 99 23.42 -18.27 -5.07
N SER C 100 24.29 -17.30 -5.33
CA SER C 100 24.31 -16.03 -4.61
C SER C 100 25.15 -14.98 -5.33
N ASP C 101 24.54 -13.87 -5.76
CA ASP C 101 25.26 -12.77 -6.37
C ASP C 101 25.58 -11.65 -5.38
N SER C 102 25.38 -11.89 -4.09
CA SER C 102 25.56 -10.88 -3.06
C SER C 102 27.02 -10.45 -2.95
N PRO C 103 27.27 -9.22 -2.48
CA PRO C 103 28.66 -8.79 -2.25
C PRO C 103 29.43 -9.70 -1.31
N PHE C 104 28.77 -10.25 -0.28
CA PHE C 104 29.41 -11.16 0.66
C PHE C 104 28.58 -12.43 0.80
N VAL C 105 29.25 -13.58 0.79
CA VAL C 105 28.58 -14.87 0.75
C VAL C 105 29.02 -15.70 1.94
N PHE C 106 28.06 -16.06 2.79
CA PHE C 106 28.33 -16.84 3.99
C PHE C 106 28.33 -18.31 3.61
N ILE C 107 29.46 -18.98 3.78
CA ILE C 107 29.56 -20.39 3.41
C ILE C 107 29.24 -21.22 4.65
N CYS C 108 28.26 -22.11 4.53
CA CYS C 108 27.68 -22.80 5.67
C CYS C 108 27.93 -24.30 5.56
N LYS C 109 28.33 -24.91 6.68
CA LYS C 109 28.45 -26.36 6.79
C LYS C 109 27.73 -26.81 8.05
N ASN C 110 27.44 -28.12 8.12
CA ASN C 110 26.92 -28.80 9.32
C ASN C 110 25.57 -28.22 9.75
N PRO C 111 24.58 -28.18 8.86
CA PRO C 111 23.28 -27.65 9.27
C PRO C 111 22.61 -28.55 10.28
N GLN C 112 22.03 -27.94 11.31
CA GLN C 112 21.31 -28.66 12.36
C GLN C 112 19.95 -28.03 12.57
N GLU C 113 18.94 -28.88 12.73
CA GLU C 113 17.60 -28.44 13.10
C GLU C 113 17.31 -28.79 14.55
N MET C 114 16.68 -27.87 15.26
CA MET C 114 15.96 -28.19 16.48
C MET C 114 14.62 -28.81 16.12
N VAL C 115 14.20 -29.85 16.86
CA VAL C 115 12.85 -30.35 16.55
C VAL C 115 11.80 -29.47 17.21
N VAL C 116 12.12 -28.86 18.35
CA VAL C 116 11.24 -27.86 18.95
C VAL C 116 11.83 -26.48 18.72
N LYS C 117 11.03 -25.61 18.11
CA LYS C 117 11.44 -24.29 17.63
C LYS C 117 10.85 -23.22 18.52
N PHE C 118 11.70 -22.32 19.03
CA PHE C 118 11.26 -21.39 20.09
C PHE C 118 10.97 -20.02 19.53
N PRO C 119 9.85 -19.40 19.91
CA PRO C 119 9.57 -18.03 19.49
C PRO C 119 10.73 -17.11 19.84
N ILE C 120 11.01 -16.16 18.93
CA ILE C 120 12.11 -15.23 19.15
C ILE C 120 11.86 -14.00 18.32
N LYS C 121 12.33 -12.85 18.80
CA LYS C 121 12.35 -11.60 18.05
C LYS C 121 13.79 -11.24 17.73
N GLY C 122 14.09 -10.98 16.45
CA GLY C 122 15.44 -10.84 15.99
C GLY C 122 15.92 -9.39 15.89
N ASN C 123 17.08 -9.22 15.28
CA ASN C 123 17.74 -7.95 15.05
C ASN C 123 18.52 -8.03 13.74
N PRO C 124 18.97 -6.90 13.18
CA PRO C 124 19.76 -6.98 11.95
C PRO C 124 21.13 -7.57 12.21
N LYS C 125 21.75 -8.04 11.12
CA LYS C 125 23.14 -8.52 11.18
C LYS C 125 23.22 -9.72 12.16
N ILE C 126 24.40 -9.95 12.74
CA ILE C 126 24.63 -11.03 13.68
C ILE C 126 24.34 -10.52 15.08
N TRP C 127 23.43 -11.17 15.79
CA TRP C 127 23.00 -10.68 17.09
C TRP C 127 23.06 -11.78 18.12
N LYS C 128 23.21 -11.38 19.39
CA LYS C 128 23.47 -12.32 20.48
C LYS C 128 22.16 -12.88 21.03
N LEU C 129 22.09 -14.20 21.11
CA LEU C 129 20.98 -14.86 21.79
C LEU C 129 21.05 -14.61 23.30
N ASP C 130 19.87 -14.42 23.89
CA ASP C 130 19.76 -14.45 25.34
C ASP C 130 20.09 -15.85 25.86
N SER C 131 20.65 -15.89 27.07
CA SER C 131 21.19 -17.15 27.59
C SER C 131 20.10 -18.19 27.81
N LYS C 132 18.91 -17.77 28.22
CA LYS C 132 17.83 -18.73 28.46
C LYS C 132 17.48 -19.49 27.18
N ILE C 133 17.22 -18.76 26.09
CA ILE C 133 16.91 -19.44 24.84
C ILE C 133 18.14 -20.14 24.25
N HIS C 134 19.34 -19.65 24.56
CA HIS C 134 20.53 -20.35 24.08
C HIS C 134 20.66 -21.72 24.71
N GLN C 135 20.41 -21.83 26.02
CA GLN C 135 20.56 -23.10 26.72
C GLN C 135 19.56 -24.14 26.22
N GLY C 136 18.32 -23.71 25.97
CA GLY C 136 17.34 -24.64 25.44
C GLY C 136 17.63 -25.05 24.01
N ALA C 137 18.11 -24.10 23.20
CA ALA C 137 18.52 -24.41 21.83
C ALA C 137 19.62 -25.46 21.82
N LYS C 138 20.61 -25.33 22.70
CA LYS C 138 21.66 -26.34 22.78
C LYS C 138 21.09 -27.69 23.18
N LYS C 139 20.24 -27.72 24.22
CA LYS C 139 19.59 -28.95 24.62
C LYS C 139 18.72 -29.53 23.52
N GLY C 140 18.14 -28.68 22.67
CA GLY C 140 17.33 -29.16 21.57
C GLY C 140 18.11 -29.83 20.45
N LEU C 141 19.44 -29.79 20.50
CA LEU C 141 20.26 -30.34 19.43
C LEU C 141 20.68 -31.78 19.66
N MET C 142 20.37 -32.37 20.82
CA MET C 142 20.76 -33.73 21.18
C MET C 142 20.69 -34.75 20.02
#